data_5ORX
#
_entry.id   5ORX
#
_cell.length_a   82.400
_cell.length_b   82.400
_cell.length_c   174.810
_cell.angle_alpha   90.000
_cell.angle_beta   90.000
_cell.angle_gamma   120.000
#
_symmetry.space_group_name_H-M   'P 61 2 2'
#
loop_
_entity.id
_entity.type
_entity.pdbx_description
1 polymer 'Aurora kinase A'
2 non-polymer "ADENOSINE-5'-DIPHOSPHATE"
3 non-polymer 'MAGNESIUM ION'
4 non-polymer 6-[2,6-bis(chloranyl)phenoxy]pyridin-3-amine
5 water water
#
_entity_poly.entity_id   1
_entity_poly.type   'polypeptide(L)'
_entity_poly.pdbx_seq_one_letter_code
;QWALEDFEIGRPLGKGKFGNVYLAREKQSKFILALKVLFKAQLEKAGVEHQLRREVEIQSHLRHPNILRLYGYFHDATRV
YLILEYAPLGTVYRELQKLSKFDEQRTATYITELANALSYCHSKRVIHRDIKPENLLLGSAGELKIADFGWSVHAPSSRR
T(TPO)LAGTLDYLPPEMIEGRMHDEKVDLWSLGVLCYEFLVGKPPFEANTYQETYKRISRVEFTFPDFVTEGARDLISR
LLKHNPSQRPMLREVLEHPWITANSSKPS
;
_entity_poly.pdbx_strand_id   A
#
loop_
_chem_comp.id
_chem_comp.type
_chem_comp.name
_chem_comp.formula
A6H non-polymer 6-[2,6-bis(chloranyl)phenoxy]pyridin-3-amine 'C11 H8 Cl2 N2 O'
ADP non-polymer ADENOSINE-5'-DIPHOSPHATE 'C10 H15 N5 O10 P2'
MG non-polymer 'MAGNESIUM ION' 'Mg 2'
#
# COMPACT_ATOMS: atom_id res chain seq x y z
N GLN A 1 26.89 11.33 -7.12
CA GLN A 1 27.36 10.40 -6.11
C GLN A 1 27.28 8.96 -6.63
N TRP A 2 26.24 8.23 -6.23
CA TRP A 2 26.04 6.84 -6.65
C TRP A 2 25.86 6.71 -8.16
N ALA A 3 26.37 5.60 -8.71
CA ALA A 3 26.14 5.25 -10.10
C ALA A 3 25.94 3.73 -10.23
N LEU A 4 25.56 3.27 -11.42
CA LEU A 4 25.28 1.87 -11.64
C LEU A 4 26.51 1.01 -11.37
N GLU A 5 27.68 1.55 -11.68
CA GLU A 5 28.95 0.85 -11.53
C GLU A 5 29.25 0.46 -10.08
N ASP A 6 28.61 1.12 -9.14
CA ASP A 6 28.82 0.83 -7.72
C ASP A 6 28.08 -0.44 -7.24
N PHE A 7 27.28 -1.06 -8.09
CA PHE A 7 26.44 -2.18 -7.65
C PHE A 7 26.59 -3.44 -8.50
N GLU A 8 26.47 -4.60 -7.85
CA GLU A 8 26.32 -5.85 -8.59
C GLU A 8 24.84 -6.23 -8.58
N ILE A 9 24.29 -6.50 -9.75
CA ILE A 9 22.86 -6.76 -9.87
C ILE A 9 22.59 -8.27 -9.76
N GLY A 10 21.47 -8.62 -9.13
CA GLY A 10 21.07 -10.01 -9.01
C GLY A 10 19.66 -10.27 -9.49
N ARG A 11 18.97 -11.19 -8.83
CA ARG A 11 17.71 -11.67 -9.36
C ARG A 11 16.59 -10.63 -9.33
N PRO A 12 15.72 -10.65 -10.34
CA PRO A 12 14.54 -9.79 -10.37
C PRO A 12 13.64 -10.06 -9.17
N LEU A 13 13.23 -9.00 -8.44
CA LEU A 13 12.36 -9.15 -7.28
C LEU A 13 10.88 -8.97 -7.62
N GLY A 14 10.59 -8.20 -8.67
CA GLY A 14 9.23 -7.94 -9.08
C GLY A 14 9.12 -7.02 -10.27
N LYS A 15 7.91 -6.90 -10.80
CA LYS A 15 7.62 -5.94 -11.86
C LYS A 15 6.48 -5.02 -11.43
N GLY A 16 6.55 -3.76 -11.87
CA GLY A 16 5.44 -2.84 -11.74
C GLY A 16 5.23 -2.19 -13.10
N LYS A 17 4.26 -1.26 -13.19
CA LYS A 17 3.95 -0.56 -14.44
C LYS A 17 5.19 0.09 -15.07
N PHE A 18 5.92 0.85 -14.26
CA PHE A 18 7.17 1.43 -14.71
C PHE A 18 8.33 0.71 -14.04
N GLY A 19 8.15 0.40 -12.75
CA GLY A 19 9.17 -0.27 -11.95
C GLY A 19 9.59 -1.67 -12.41
N ASN A 20 10.89 -1.89 -12.33
CA ASN A 20 11.46 -3.20 -12.55
C ASN A 20 12.48 -3.30 -11.43
N VAL A 21 12.21 -4.16 -10.44
CA VAL A 21 12.94 -4.12 -9.18
C VAL A 21 13.93 -5.28 -9.07
N TYR A 22 15.19 -5.00 -8.77
CA TYR A 22 16.24 -6.04 -8.66
C TYR A 22 16.90 -6.12 -7.30
N LEU A 23 17.27 -7.33 -6.89
CA LEU A 23 18.18 -7.52 -5.78
C LEU A 23 19.55 -6.98 -6.20
N ALA A 24 20.26 -6.32 -5.29
CA ALA A 24 21.57 -5.75 -5.63
C ALA A 24 22.51 -5.70 -4.42
N ARG A 25 23.82 -5.68 -4.69
CA ARG A 25 24.82 -5.54 -3.63
C ARG A 25 25.81 -4.41 -3.93
N GLU A 26 26.00 -3.50 -2.98
CA GLU A 26 26.95 -2.40 -3.16
C GLU A 26 28.37 -2.93 -2.98
N LYS A 27 29.26 -2.55 -3.91
CA LYS A 27 30.57 -3.22 -4.03
C LYS A 27 31.55 -3.07 -2.85
N GLN A 28 31.73 -1.85 -2.35
CA GLN A 28 32.71 -1.63 -1.27
C GLN A 28 32.25 -2.18 0.08
N SER A 29 30.96 -2.02 0.39
CA SER A 29 30.45 -2.35 1.72
C SER A 29 29.75 -3.72 1.80
N LYS A 30 29.44 -4.31 0.64
CA LYS A 30 28.68 -5.57 0.55
C LYS A 30 27.23 -5.46 1.07
N PHE A 31 26.73 -4.23 1.15
CA PHE A 31 25.38 -3.99 1.66
C PHE A 31 24.32 -4.48 0.65
N ILE A 32 23.38 -5.30 1.13
CA ILE A 32 22.30 -5.81 0.27
C ILE A 32 21.05 -4.92 0.31
N LEU A 33 20.51 -4.64 -0.86
CA LEU A 33 19.38 -3.74 -1.01
C LEU A 33 18.57 -4.08 -2.27
N ALA A 34 17.56 -3.25 -2.55
CA ALA A 34 16.76 -3.41 -3.76
C ALA A 34 16.87 -2.16 -4.63
N LEU A 35 17.07 -2.35 -5.92
CA LEU A 35 17.17 -1.25 -6.88
C LEU A 35 15.92 -1.21 -7.75
N LYS A 36 15.13 -0.14 -7.63
CA LYS A 36 13.95 0.04 -8.46
C LYS A 36 14.29 0.89 -9.70
N VAL A 37 14.16 0.30 -10.87
CA VAL A 37 14.59 0.92 -12.13
C VAL A 37 13.40 1.44 -12.94
N LEU A 38 13.47 2.70 -13.37
CA LEU A 38 12.41 3.30 -14.19
C LEU A 38 12.99 3.81 -15.51
N PHE A 39 12.29 3.61 -16.62
CA PHE A 39 12.77 4.08 -17.92
C PHE A 39 12.30 5.51 -18.18
N LYS A 40 13.23 6.39 -18.50
CA LYS A 40 12.90 7.81 -18.71
C LYS A 40 11.90 8.00 -19.83
N ALA A 41 12.02 7.22 -20.89
CA ALA A 41 11.12 7.35 -22.04
C ALA A 41 9.68 7.01 -21.65
N GLN A 42 9.52 6.03 -20.76
CA GLN A 42 8.18 5.65 -20.29
C GLN A 42 7.63 6.68 -19.30
N LEU A 43 8.50 7.28 -18.49
CA LEU A 43 8.06 8.30 -17.54
C LEU A 43 7.57 9.55 -18.29
N GLU A 44 8.32 9.91 -19.33
CA GLU A 44 8.02 11.04 -20.18
C GLU A 44 6.72 10.82 -20.95
N LYS A 45 6.59 9.66 -21.58
CA LYS A 45 5.42 9.31 -22.35
C LYS A 45 4.13 9.38 -21.52
N ALA A 46 4.22 8.94 -20.26
CA ALA A 46 3.06 8.85 -19.38
C ALA A 46 2.84 10.14 -18.61
N GLY A 47 3.85 10.99 -18.60
CA GLY A 47 3.79 12.28 -17.95
C GLY A 47 3.73 12.21 -16.42
N VAL A 48 4.45 11.25 -15.84
CA VAL A 48 4.35 11.06 -14.40
C VAL A 48 5.63 11.41 -13.64
N GLU A 49 6.45 12.30 -14.20
CA GLU A 49 7.66 12.77 -13.50
C GLU A 49 7.37 13.29 -12.10
N HIS A 50 6.30 14.08 -11.95
CA HIS A 50 5.98 14.69 -10.66
C HIS A 50 5.66 13.63 -9.59
N GLN A 51 5.00 12.55 -9.99
CA GLN A 51 4.74 11.41 -9.08
C GLN A 51 6.02 10.76 -8.56
N LEU A 52 7.03 10.62 -9.42
CA LEU A 52 8.28 10.01 -9.01
C LEU A 52 9.00 10.91 -7.99
N ARG A 53 8.97 12.24 -8.20
CA ARG A 53 9.63 13.17 -7.29
C ARG A 53 8.97 13.11 -5.92
N ARG A 54 7.65 13.02 -5.92
CA ARG A 54 6.90 12.97 -4.67
C ARG A 54 7.22 11.69 -3.91
N GLU A 55 7.31 10.57 -4.63
CA GLU A 55 7.70 9.27 -4.05
C GLU A 55 9.05 9.36 -3.33
N VAL A 56 10.04 9.97 -3.96
CA VAL A 56 11.36 10.11 -3.34
C VAL A 56 11.33 11.05 -2.12
N GLU A 57 10.74 12.23 -2.27
CA GLU A 57 10.71 13.22 -1.20
C GLU A 57 9.93 12.75 0.03
N ILE A 58 8.72 12.23 -0.17
CA ILE A 58 7.90 11.76 0.95
C ILE A 58 8.53 10.56 1.67
N GLN A 59 8.87 9.52 0.91
CA GLN A 59 9.31 8.26 1.52
C GLN A 59 10.69 8.38 2.21
N SER A 60 11.61 9.20 1.68
CA SER A 60 12.95 9.34 2.29
C SER A 60 12.94 10.01 3.68
N HIS A 61 11.95 10.84 3.97
CA HIS A 61 11.98 11.53 5.25
C HIS A 61 11.17 10.83 6.35
N LEU A 62 10.46 9.76 5.98
CA LEU A 62 9.70 8.97 6.96
C LEU A 62 10.61 7.97 7.67
N ARG A 63 10.37 7.76 8.97
CA ARG A 63 11.12 6.76 9.74
C ARG A 63 10.20 6.00 10.69
N HIS A 64 9.84 4.77 10.30
CA HIS A 64 8.93 3.95 11.08
C HIS A 64 9.19 2.49 10.74
N PRO A 65 9.20 1.60 11.77
CA PRO A 65 9.50 0.18 11.57
C PRO A 65 8.57 -0.51 10.58
N ASN A 66 7.33 -0.03 10.45
CA ASN A 66 6.41 -0.62 9.49
C ASN A 66 6.32 0.17 8.17
N ILE A 67 7.32 0.98 7.83
CA ILE A 67 7.36 1.67 6.53
C ILE A 67 8.72 1.37 5.87
N LEU A 68 8.71 0.90 4.63
CA LEU A 68 9.96 0.60 3.90
C LEU A 68 10.81 1.88 3.68
N ARG A 69 12.10 1.77 3.96
CA ARG A 69 13.02 2.89 3.78
C ARG A 69 13.39 3.12 2.31
N LEU A 70 13.50 4.39 1.95
CA LEU A 70 14.12 4.79 0.70
C LEU A 70 15.38 5.59 1.04
N TYR A 71 16.53 5.13 0.54
CA TYR A 71 17.83 5.71 0.90
C TYR A 71 18.33 6.81 -0.03
N GLY A 72 17.96 6.75 -1.30
CA GLY A 72 18.51 7.66 -2.29
C GLY A 72 18.07 7.34 -3.71
N TYR A 73 18.67 8.05 -4.67
CA TYR A 73 18.39 7.85 -6.09
C TYR A 73 19.52 8.37 -6.97
N PHE A 74 19.55 7.91 -8.22
CA PHE A 74 20.46 8.43 -9.25
C PHE A 74 19.92 8.11 -10.63
N HIS A 75 20.60 8.57 -11.68
CA HIS A 75 20.11 8.38 -13.05
C HIS A 75 21.24 8.40 -14.09
N ASP A 76 20.96 7.90 -15.30
CA ASP A 76 22.03 7.75 -16.31
C ASP A 76 21.60 7.91 -17.77
N ALA A 77 20.60 8.75 -18.00
CA ALA A 77 20.21 9.20 -19.36
C ALA A 77 19.25 8.26 -20.08
N THR A 78 19.12 7.01 -19.62
CA THR A 78 17.98 6.20 -20.05
C THR A 78 17.09 5.81 -18.87
N ARG A 79 17.65 5.82 -17.66
CA ARG A 79 16.97 5.27 -16.49
C ARG A 79 17.10 6.11 -15.22
N VAL A 80 16.11 5.99 -14.33
CA VAL A 80 16.19 6.52 -12.98
C VAL A 80 16.21 5.32 -12.00
N TYR A 81 17.05 5.41 -10.98
CA TYR A 81 17.22 4.30 -10.02
C TYR A 81 16.87 4.74 -8.61
N LEU A 82 15.93 4.06 -7.96
CA LEU A 82 15.66 4.31 -6.55
C LEU A 82 16.32 3.25 -5.67
N ILE A 83 17.02 3.68 -4.62
CA ILE A 83 17.69 2.75 -3.72
C ILE A 83 16.80 2.47 -2.51
N LEU A 84 16.32 1.22 -2.42
CA LEU A 84 15.36 0.82 -1.41
C LEU A 84 15.88 -0.22 -0.41
N GLU A 85 15.32 -0.18 0.79
CA GLU A 85 15.43 -1.29 1.75
C GLU A 85 14.90 -2.59 1.10
N TYR A 86 15.67 -3.67 1.22
CA TYR A 86 15.28 -5.00 0.71
C TYR A 86 14.36 -5.72 1.71
N ALA A 87 13.20 -6.21 1.24
CA ALA A 87 12.26 -6.93 2.08
C ALA A 87 12.36 -8.42 1.77
N PRO A 88 13.00 -9.20 2.66
CA PRO A 88 13.35 -10.57 2.31
C PRO A 88 12.18 -11.58 2.23
N LEU A 89 11.02 -11.26 2.79
CA LEU A 89 9.94 -12.27 2.78
C LEU A 89 8.84 -11.96 1.77
N GLY A 90 9.07 -10.98 0.88
CA GLY A 90 8.19 -10.82 -0.27
C GLY A 90 6.92 -10.04 0.03
N THR A 91 5.88 -10.25 -0.78
CA THR A 91 4.67 -9.46 -0.68
C THR A 91 3.55 -10.16 0.09
N VAL A 92 2.68 -9.38 0.73
CA VAL A 92 1.44 -9.92 1.30
C VAL A 92 0.61 -10.59 0.20
N TYR A 93 0.60 -9.99 -1.00
CA TYR A 93 -0.05 -10.57 -2.18
C TYR A 93 0.34 -12.03 -2.44
N ARG A 94 1.64 -12.31 -2.37
CA ARG A 94 2.15 -13.64 -2.64
C ARG A 94 1.73 -14.62 -1.54
N GLU A 95 1.74 -14.14 -0.30
CA GLU A 95 1.33 -14.92 0.85
C GLU A 95 -0.17 -15.27 0.79
N LEU A 96 -0.98 -14.31 0.35
CA LEU A 96 -2.41 -14.54 0.18
C LEU A 96 -2.69 -15.54 -0.95
N GLN A 97 -1.89 -15.51 -2.01
CA GLN A 97 -2.02 -16.51 -3.08
C GLN A 97 -1.63 -17.90 -2.60
N LYS A 98 -0.67 -17.97 -1.70
CA LYS A 98 -0.23 -19.25 -1.17
C LYS A 98 -1.30 -19.88 -0.26
N LEU A 99 -1.93 -19.06 0.58
CA LEU A 99 -2.79 -19.59 1.64
C LEU A 99 -4.30 -19.51 1.34
N SER A 100 -4.67 -18.77 0.29
CA SER A 100 -6.06 -18.45 -0.08
C SER A 100 -6.75 -17.45 0.86
N LYS A 101 -6.66 -17.69 2.16
CA LYS A 101 -7.26 -16.82 3.20
C LYS A 101 -6.36 -16.76 4.41
N PHE A 102 -6.39 -15.65 5.15
CA PHE A 102 -5.71 -15.59 6.45
C PHE A 102 -6.69 -15.88 7.59
N ASP A 103 -6.19 -16.44 8.69
CA ASP A 103 -7.02 -16.60 9.89
C ASP A 103 -7.17 -15.26 10.61
N GLU A 104 -7.99 -15.24 11.65
CA GLU A 104 -8.30 -14.00 12.36
C GLU A 104 -7.07 -13.39 13.04
N GLN A 105 -6.16 -14.22 13.52
CA GLN A 105 -4.98 -13.74 14.22
C GLN A 105 -3.95 -13.10 13.28
N ARG A 106 -3.72 -13.73 12.13
CA ARG A 106 -2.83 -13.16 11.13
C ARG A 106 -3.39 -11.82 10.64
N THR A 107 -4.68 -11.82 10.30
CA THR A 107 -5.38 -10.62 9.82
C THR A 107 -5.34 -9.45 10.81
N ALA A 108 -5.74 -9.71 12.06
CA ALA A 108 -5.74 -8.65 13.06
C ALA A 108 -4.33 -8.07 13.28
N THR A 109 -3.31 -8.94 13.26
CA THR A 109 -1.94 -8.49 13.40
C THR A 109 -1.47 -7.61 12.24
N TYR A 110 -1.75 -8.02 11.00
CA TYR A 110 -1.43 -7.18 9.83
C TYR A 110 -2.14 -5.82 9.93
N ILE A 111 -3.40 -5.83 10.35
CA ILE A 111 -4.19 -4.59 10.44
C ILE A 111 -3.63 -3.64 11.50
N THR A 112 -3.16 -4.19 12.62
CA THR A 112 -2.50 -3.40 13.66
C THR A 112 -1.23 -2.73 13.13
N GLU A 113 -0.40 -3.49 12.44
CA GLU A 113 0.84 -2.96 11.87
C GLU A 113 0.56 -1.88 10.81
N LEU A 114 -0.46 -2.11 9.98
CA LEU A 114 -0.89 -1.11 9.00
C LEU A 114 -1.36 0.18 9.65
N ALA A 115 -2.24 0.04 10.65
CA ALA A 115 -2.80 1.19 11.35
C ALA A 115 -1.71 2.00 12.06
N ASN A 116 -0.75 1.32 12.67
CA ASN A 116 0.42 1.99 13.24
C ASN A 116 1.17 2.83 12.21
N ALA A 117 1.48 2.23 11.07
CA ALA A 117 2.22 2.94 10.01
C ALA A 117 1.43 4.13 9.47
N LEU A 118 0.13 3.92 9.25
CA LEU A 118 -0.71 4.97 8.71
C LEU A 118 -0.93 6.11 9.72
N SER A 119 -0.91 5.77 11.00
CA SER A 119 -1.07 6.82 12.02
C SER A 119 0.13 7.76 11.97
N TYR A 120 1.32 7.18 11.80
CA TYR A 120 2.54 7.97 11.68
C TYR A 120 2.49 8.85 10.44
N CYS A 121 2.02 8.28 9.31
CA CYS A 121 1.87 9.03 8.07
C CYS A 121 0.90 10.21 8.22
N HIS A 122 -0.28 9.93 8.75
CA HIS A 122 -1.32 10.94 8.86
C HIS A 122 -0.91 12.07 9.84
N SER A 123 -0.04 11.76 10.78
CA SER A 123 0.45 12.77 11.72
C SER A 123 1.33 13.83 11.02
N LYS A 124 1.80 13.51 9.81
CA LYS A 124 2.50 14.48 8.96
C LYS A 124 1.63 14.94 7.80
N ARG A 125 0.34 14.63 7.88
CA ARG A 125 -0.64 14.96 6.84
C ARG A 125 -0.24 14.35 5.49
N VAL A 126 0.36 13.17 5.53
CA VAL A 126 0.68 12.42 4.31
C VAL A 126 -0.38 11.36 4.05
N ILE A 127 -0.94 11.29 2.85
CA ILE A 127 -1.85 10.20 2.57
C ILE A 127 -1.28 9.33 1.46
N HIS A 128 -1.46 8.01 1.59
CA HIS A 128 -0.78 7.05 0.71
C HIS A 128 -1.54 6.84 -0.60
N ARG A 129 -2.82 6.51 -0.48
CA ARG A 129 -3.77 6.42 -1.60
C ARG A 129 -3.62 5.18 -2.51
N ASP A 130 -2.70 4.27 -2.22
CA ASP A 130 -2.53 3.08 -3.05
C ASP A 130 -2.21 1.83 -2.21
N ILE A 131 -2.80 1.76 -1.02
CA ILE A 131 -2.68 0.58 -0.17
C ILE A 131 -3.38 -0.63 -0.79
N LYS A 132 -2.64 -1.70 -0.97
CA LYS A 132 -3.12 -2.94 -1.58
C LYS A 132 -2.02 -4.02 -1.42
N PRO A 133 -2.40 -5.31 -1.50
CA PRO A 133 -1.46 -6.39 -1.15
C PRO A 133 -0.10 -6.37 -1.89
N GLU A 134 -0.05 -5.95 -3.15
CA GLU A 134 1.23 -5.93 -3.90
C GLU A 134 2.20 -4.83 -3.42
N ASN A 135 1.67 -3.88 -2.66
CA ASN A 135 2.46 -2.78 -2.10
C ASN A 135 2.74 -2.94 -0.60
N LEU A 136 2.43 -4.11 -0.03
CA LEU A 136 2.76 -4.42 1.37
C LEU A 136 3.83 -5.53 1.43
N LEU A 137 4.98 -5.21 1.99
CA LEU A 137 6.15 -6.10 1.94
C LEU A 137 6.44 -6.68 3.33
N LEU A 138 7.20 -7.78 3.38
CA LEU A 138 7.43 -8.46 4.63
C LEU A 138 8.91 -8.50 5.00
N GLY A 139 9.24 -8.00 6.19
CA GLY A 139 10.61 -8.02 6.68
C GLY A 139 11.06 -9.37 7.21
N SER A 140 12.25 -9.41 7.81
CA SER A 140 12.87 -10.68 8.18
C SER A 140 12.13 -11.40 9.31
N ALA A 141 11.38 -10.66 10.12
CA ALA A 141 10.61 -11.22 11.22
C ALA A 141 9.14 -11.41 10.84
N GLY A 142 8.86 -11.26 9.55
CA GLY A 142 7.50 -11.39 9.06
C GLY A 142 6.64 -10.16 9.28
N GLU A 143 7.25 -9.05 9.71
CA GLU A 143 6.47 -7.84 9.99
C GLU A 143 6.12 -7.08 8.71
N LEU A 144 4.92 -6.48 8.69
CA LEU A 144 4.44 -5.76 7.52
C LEU A 144 5.10 -4.38 7.41
N LYS A 145 5.45 -4.02 6.17
CA LYS A 145 5.99 -2.70 5.82
C LYS A 145 5.25 -2.11 4.61
N ILE A 146 4.66 -0.92 4.75
CA ILE A 146 4.06 -0.23 3.61
C ILE A 146 5.14 0.25 2.63
N ALA A 147 4.89 0.02 1.33
CA ALA A 147 5.81 0.48 0.31
C ALA A 147 5.08 1.13 -0.85
N ASP A 148 5.82 1.50 -1.89
CA ASP A 148 5.30 2.12 -3.14
C ASP A 148 4.51 3.43 -2.91
N PHE A 149 5.25 4.50 -2.62
CA PHE A 149 4.65 5.80 -2.36
C PHE A 149 4.44 6.65 -3.63
N GLY A 150 4.40 6.02 -4.80
CA GLY A 150 4.18 6.73 -6.05
C GLY A 150 2.93 7.60 -6.15
N TRP A 151 1.86 7.20 -5.46
CA TRP A 151 0.60 7.97 -5.50
C TRP A 151 0.37 8.84 -4.26
N SER A 152 1.35 8.88 -3.35
CA SER A 152 1.13 9.61 -2.10
C SER A 152 1.14 11.14 -2.30
N VAL A 153 0.53 11.87 -1.37
CA VAL A 153 0.45 13.35 -1.39
C VAL A 153 0.29 13.98 0.00
N HIS A 154 0.15 15.30 0.03
CA HIS A 154 -0.33 16.02 1.22
C HIS A 154 -1.81 16.42 1.09
N ALA A 155 -2.54 16.40 2.20
CA ALA A 155 -4.00 16.63 2.18
C ALA A 155 -4.36 18.10 2.47
N PRO A 156 -5.51 18.58 1.93
CA PRO A 156 -6.49 17.91 1.06
C PRO A 156 -6.03 17.81 -0.40
N SER A 157 -6.82 17.17 -1.27
CA SER A 157 -6.40 17.01 -2.67
C SER A 157 -7.49 16.67 -3.68
N SER A 158 -7.21 17.02 -4.92
CA SER A 158 -7.91 16.46 -6.05
C SER A 158 -6.93 15.55 -6.77
N ARG A 159 -7.36 14.95 -7.86
CA ARG A 159 -6.44 14.09 -8.62
C ARG A 159 -6.04 14.77 -9.92
N ARG A 160 -4.75 14.68 -10.25
CA ARG A 160 -4.23 15.30 -11.47
C ARG A 160 -3.85 14.26 -12.52
N THR A 161 -3.64 13.02 -12.07
CA THR A 161 -3.21 11.94 -12.96
C THR A 161 -4.32 10.91 -13.18
N TPO A 162 -4.42 10.41 -14.42
CA TPO A 162 -5.36 9.38 -14.80
CB TPO A 162 -5.14 9.04 -16.29
CG2 TPO A 162 -6.01 7.85 -16.74
OG1 TPO A 162 -5.41 10.17 -17.11
P TPO A 162 -4.07 10.74 -17.81
O1P TPO A 162 -2.96 11.02 -16.70
O2P TPO A 162 -3.57 9.74 -18.78
O3P TPO A 162 -4.43 12.11 -18.56
C TPO A 162 -5.28 8.12 -13.93
O TPO A 162 -4.18 7.67 -13.59
N LEU A 163 -6.43 7.53 -13.60
CA LEU A 163 -6.46 6.28 -12.84
C LEU A 163 -6.06 5.13 -13.77
N ALA A 164 -4.98 4.45 -13.40
CA ALA A 164 -4.37 3.44 -14.28
C ALA A 164 -5.08 2.07 -14.23
N GLY A 165 -4.86 1.34 -13.15
CA GLY A 165 -5.30 -0.05 -13.08
C GLY A 165 -6.60 -0.32 -12.36
N THR A 166 -6.49 -1.02 -11.22
CA THR A 166 -7.67 -1.54 -10.50
C THR A 166 -8.42 -0.47 -9.71
N LEU A 167 -9.74 -0.50 -9.79
CA LEU A 167 -10.53 0.35 -8.93
C LEU A 167 -10.69 -0.27 -7.54
N ASP A 168 -10.25 -1.52 -7.34
CA ASP A 168 -10.78 -2.33 -6.23
C ASP A 168 -10.57 -1.73 -4.82
N TYR A 169 -9.58 -0.86 -4.63
CA TYR A 169 -9.26 -0.39 -3.28
C TYR A 169 -9.63 1.09 -3.07
N LEU A 170 -10.17 1.72 -4.09
CA LEU A 170 -10.43 3.16 -4.00
C LEU A 170 -11.83 3.45 -3.45
N PRO A 171 -11.96 4.52 -2.67
CA PRO A 171 -13.26 4.95 -2.15
C PRO A 171 -14.12 5.71 -3.18
N PRO A 172 -15.43 5.91 -2.90
CA PRO A 172 -16.30 6.60 -3.85
C PRO A 172 -15.82 8.01 -4.24
N GLU A 173 -15.38 8.80 -3.27
CA GLU A 173 -14.97 10.18 -3.56
C GLU A 173 -13.76 10.22 -4.50
N MET A 174 -12.97 9.15 -4.51
CA MET A 174 -11.80 9.11 -5.37
C MET A 174 -12.17 8.68 -6.80
N ILE A 175 -13.03 7.67 -6.91
CA ILE A 175 -13.40 7.18 -8.23
C ILE A 175 -14.36 8.15 -8.94
N GLU A 176 -15.09 8.94 -8.17
CA GLU A 176 -15.95 9.97 -8.75
C GLU A 176 -15.19 11.27 -8.99
N GLY A 177 -13.88 11.25 -8.75
CA GLY A 177 -13.03 12.39 -9.05
C GLY A 177 -13.29 13.62 -8.18
N ARG A 178 -13.83 13.41 -6.98
CA ARG A 178 -14.07 14.53 -6.08
C ARG A 178 -12.87 14.82 -5.18
N MET A 179 -13.02 15.83 -4.32
CA MET A 179 -11.99 16.17 -3.36
C MET A 179 -11.89 15.09 -2.28
N HIS A 180 -10.68 14.79 -1.82
CA HIS A 180 -10.46 13.75 -0.79
C HIS A 180 -9.41 14.11 0.25
N ASP A 181 -9.37 13.36 1.35
CA ASP A 181 -8.43 13.60 2.44
C ASP A 181 -7.89 12.29 3.04
N GLU A 182 -7.37 12.35 4.28
CA GLU A 182 -6.87 11.17 5.02
C GLU A 182 -7.78 9.94 5.00
N LYS A 183 -9.08 10.19 5.01
CA LYS A 183 -10.05 9.12 5.20
C LYS A 183 -10.04 8.12 4.04
N VAL A 184 -9.37 8.46 2.94
CA VAL A 184 -9.31 7.50 1.83
C VAL A 184 -8.56 6.26 2.29
N ASP A 185 -7.53 6.41 3.14
CA ASP A 185 -6.72 5.28 3.57
C ASP A 185 -7.52 4.39 4.53
N LEU A 186 -8.46 4.97 5.27
CA LEU A 186 -9.31 4.16 6.14
C LEU A 186 -10.26 3.27 5.36
N TRP A 187 -10.80 3.78 4.26
CA TRP A 187 -11.61 2.95 3.37
C TRP A 187 -10.78 1.77 2.86
N SER A 188 -9.55 2.05 2.40
CA SER A 188 -8.69 0.98 1.85
C SER A 188 -8.36 -0.05 2.92
N LEU A 189 -8.21 0.41 4.16
CA LEU A 189 -7.98 -0.49 5.30
C LEU A 189 -9.15 -1.49 5.50
N GLY A 190 -10.38 -1.02 5.31
CA GLY A 190 -11.55 -1.90 5.32
C GLY A 190 -11.62 -2.90 4.17
N VAL A 191 -11.29 -2.46 2.96
CA VAL A 191 -11.22 -3.36 1.80
C VAL A 191 -10.22 -4.47 2.10
N LEU A 192 -9.07 -4.09 2.65
CA LEU A 192 -7.99 -5.04 2.96
C LEU A 192 -8.38 -6.07 4.02
N CYS A 193 -8.99 -5.57 5.10
CA CYS A 193 -9.43 -6.45 6.17
C CYS A 193 -10.36 -7.52 5.60
N TYR A 194 -11.30 -7.12 4.77
CA TYR A 194 -12.20 -8.08 4.13
C TYR A 194 -11.45 -9.05 3.22
N GLU A 195 -10.52 -8.53 2.39
CA GLU A 195 -9.84 -9.40 1.43
C GLU A 195 -8.98 -10.44 2.17
N PHE A 196 -8.34 -10.03 3.26
CA PHE A 196 -7.55 -10.96 4.10
C PHE A 196 -8.39 -12.13 4.64
N LEU A 197 -9.63 -11.86 5.09
CA LEU A 197 -10.48 -12.90 5.69
C LEU A 197 -11.22 -13.76 4.66
N VAL A 198 -11.54 -13.18 3.50
CA VAL A 198 -12.39 -13.83 2.51
C VAL A 198 -11.63 -14.35 1.29
N GLY A 199 -10.49 -13.73 0.96
CA GLY A 199 -9.72 -14.18 -0.19
C GLY A 199 -9.89 -13.33 -1.44
N LYS A 200 -10.89 -12.44 -1.43
CA LYS A 200 -11.10 -11.51 -2.53
C LYS A 200 -11.67 -10.18 -1.99
N PRO A 201 -11.48 -9.07 -2.72
CA PRO A 201 -11.98 -7.77 -2.21
C PRO A 201 -13.50 -7.66 -2.36
N PRO A 202 -14.15 -6.88 -1.49
CA PRO A 202 -15.63 -6.89 -1.36
C PRO A 202 -16.42 -6.33 -2.55
N PHE A 203 -15.80 -5.56 -3.46
CA PHE A 203 -16.55 -5.02 -4.58
C PHE A 203 -16.08 -5.57 -5.91
N GLU A 204 -15.35 -6.67 -5.88
CA GLU A 204 -14.78 -7.22 -7.09
C GLU A 204 -15.85 -7.54 -8.12
N ALA A 205 -15.48 -7.41 -9.38
CA ALA A 205 -16.39 -7.59 -10.50
C ALA A 205 -15.66 -7.84 -11.82
N ASN A 206 -16.42 -8.23 -12.84
CA ASN A 206 -15.87 -8.58 -14.15
C ASN A 206 -15.50 -7.40 -15.02
N THR A 207 -16.13 -6.26 -14.79
CA THR A 207 -15.87 -5.10 -15.62
C THR A 207 -15.65 -3.86 -14.75
N TYR A 208 -14.99 -2.87 -15.33
CA TYR A 208 -14.71 -1.59 -14.69
C TYR A 208 -16.01 -0.93 -14.33
N GLN A 209 -16.92 -0.95 -15.28
CA GLN A 209 -18.15 -0.17 -15.18
C GLN A 209 -19.01 -0.64 -14.04
N GLU A 210 -19.03 -1.94 -13.81
CA GLU A 210 -19.84 -2.43 -12.72
C GLU A 210 -19.12 -2.39 -11.36
N THR A 211 -17.80 -2.59 -11.36
CA THR A 211 -17.02 -2.39 -10.13
C THR A 211 -17.29 -0.99 -9.63
N TYR A 212 -17.31 -0.02 -10.55
CA TYR A 212 -17.61 1.38 -10.24
C TYR A 212 -18.95 1.51 -9.55
N LYS A 213 -19.94 0.81 -10.09
CA LYS A 213 -21.29 0.76 -9.55
C LYS A 213 -21.31 0.18 -8.13
N ARG A 214 -20.63 -0.94 -7.93
CA ARG A 214 -20.61 -1.59 -6.61
C ARG A 214 -19.91 -0.73 -5.54
N ILE A 215 -18.87 0.01 -5.94
CA ILE A 215 -18.15 0.86 -4.99
C ILE A 215 -18.96 2.09 -4.61
N SER A 216 -19.53 2.78 -5.59
CA SER A 216 -20.23 4.03 -5.28
C SER A 216 -21.51 3.73 -4.49
N ARG A 217 -22.06 2.52 -4.62
CA ARG A 217 -23.27 2.18 -3.88
C ARG A 217 -22.98 1.41 -2.60
N VAL A 218 -21.71 1.11 -2.38
CA VAL A 218 -21.24 0.30 -1.26
C VAL A 218 -22.04 -1.02 -1.16
N GLU A 219 -22.05 -1.79 -2.25
CA GLU A 219 -22.74 -3.09 -2.24
C GLU A 219 -21.79 -4.24 -1.96
N PHE A 220 -21.72 -4.64 -0.68
CA PHE A 220 -20.95 -5.82 -0.27
C PHE A 220 -21.75 -6.71 0.69
N THR A 221 -21.48 -8.02 0.64
CA THR A 221 -22.08 -8.96 1.57
C THR A 221 -21.01 -9.89 2.13
N PHE A 222 -21.29 -10.44 3.32
CA PHE A 222 -20.36 -11.34 4.02
C PHE A 222 -20.70 -12.81 3.83
N PRO A 223 -19.67 -13.65 3.67
CA PRO A 223 -19.91 -15.09 3.73
C PRO A 223 -20.20 -15.48 5.19
N ASP A 224 -20.74 -16.68 5.42
CA ASP A 224 -21.16 -17.10 6.77
C ASP A 224 -20.03 -17.14 7.77
N PHE A 225 -18.82 -17.49 7.34
CA PHE A 225 -17.73 -17.72 8.27
C PHE A 225 -17.12 -16.46 8.86
N VAL A 226 -17.46 -15.28 8.34
CA VAL A 226 -16.94 -14.04 8.91
C VAL A 226 -17.65 -13.74 10.23
N THR A 227 -16.88 -13.68 11.32
CA THR A 227 -17.46 -13.50 12.66
C THR A 227 -17.99 -12.08 12.90
N GLU A 228 -18.67 -11.91 14.04
CA GLU A 228 -19.44 -10.71 14.27
C GLU A 228 -18.52 -9.52 14.52
N GLY A 229 -17.41 -9.78 15.20
CA GLY A 229 -16.42 -8.77 15.46
C GLY A 229 -15.81 -8.21 14.17
N ALA A 230 -15.45 -9.10 13.25
CA ALA A 230 -14.86 -8.67 11.98
C ALA A 230 -15.88 -7.88 11.15
N ARG A 231 -17.11 -8.36 11.08
CA ARG A 231 -18.21 -7.64 10.41
C ARG A 231 -18.45 -6.23 10.93
N ASP A 232 -18.29 -6.05 12.24
CA ASP A 232 -18.52 -4.76 12.87
C ASP A 232 -17.46 -3.76 12.45
N LEU A 233 -16.20 -4.18 12.53
CA LEU A 233 -15.09 -3.33 12.12
C LEU A 233 -15.15 -2.96 10.63
N ILE A 234 -15.32 -3.97 9.77
CA ILE A 234 -15.38 -3.74 8.33
C ILE A 234 -16.53 -2.81 7.96
N SER A 235 -17.70 -2.98 8.58
CA SER A 235 -18.86 -2.13 8.28
C SER A 235 -18.65 -0.66 8.67
N ARG A 236 -17.84 -0.45 9.68
CA ARG A 236 -17.53 0.92 10.14
C ARG A 236 -16.56 1.65 9.21
N LEU A 237 -15.59 0.91 8.67
CA LEU A 237 -14.62 1.47 7.74
C LEU A 237 -15.21 1.75 6.34
N LEU A 238 -16.10 0.88 5.87
CA LEU A 238 -16.66 1.01 4.53
C LEU A 238 -17.95 1.85 4.54
N LYS A 239 -17.83 3.12 4.96
CA LYS A 239 -18.93 4.08 4.94
C LYS A 239 -18.81 5.03 3.76
N HIS A 240 -19.90 5.25 3.03
CA HIS A 240 -19.89 6.16 1.88
C HIS A 240 -19.39 7.55 2.24
N ASN A 241 -19.91 8.08 3.35
CA ASN A 241 -19.50 9.38 3.87
C ASN A 241 -18.20 9.29 4.69
N PRO A 242 -17.13 9.94 4.19
CA PRO A 242 -15.78 9.83 4.78
C PRO A 242 -15.73 10.18 6.26
N SER A 243 -16.44 11.25 6.64
CA SER A 243 -16.38 11.75 8.01
C SER A 243 -16.95 10.74 9.02
N GLN A 244 -17.73 9.77 8.54
CA GLN A 244 -18.28 8.78 9.44
C GLN A 244 -17.34 7.59 9.66
N ARG A 245 -16.23 7.56 8.93
CA ARG A 245 -15.23 6.52 9.10
C ARG A 245 -14.43 6.77 10.38
N PRO A 246 -14.07 5.69 11.09
CA PRO A 246 -13.38 5.83 12.38
C PRO A 246 -11.99 6.44 12.27
N MET A 247 -11.53 6.98 13.38
CA MET A 247 -10.15 7.39 13.62
C MET A 247 -9.28 6.15 13.75
N LEU A 248 -7.97 6.28 13.49
CA LEU A 248 -7.09 5.13 13.58
C LEU A 248 -6.96 4.60 15.02
N ARG A 249 -7.09 5.46 16.02
CA ARG A 249 -7.04 4.98 17.41
C ARG A 249 -8.24 4.06 17.69
N GLU A 250 -9.38 4.38 17.09
CA GLU A 250 -10.57 3.53 17.21
C GLU A 250 -10.38 2.17 16.57
N VAL A 251 -9.65 2.12 15.46
CA VAL A 251 -9.31 0.83 14.88
C VAL A 251 -8.39 0.03 15.81
N LEU A 252 -7.36 0.69 16.33
CA LEU A 252 -6.33 -0.02 17.11
C LEU A 252 -6.89 -0.48 18.45
N GLU A 253 -8.04 0.10 18.84
CA GLU A 253 -8.68 -0.21 20.12
C GLU A 253 -9.96 -1.01 19.95
N HIS A 254 -10.33 -1.34 18.72
CA HIS A 254 -11.52 -2.16 18.49
C HIS A 254 -11.37 -3.53 19.18
N PRO A 255 -12.45 -4.02 19.83
CA PRO A 255 -12.38 -5.26 20.62
C PRO A 255 -11.95 -6.51 19.83
N TRP A 256 -12.30 -6.57 18.55
CA TRP A 256 -11.93 -7.72 17.72
C TRP A 256 -10.43 -7.72 17.44
N ILE A 257 -9.87 -6.53 17.25
CA ILE A 257 -8.44 -6.34 17.03
C ILE A 257 -7.64 -6.68 18.29
N THR A 258 -8.05 -6.13 19.43
CA THR A 258 -7.30 -6.35 20.67
C THR A 258 -7.37 -7.80 21.11
N ALA A 259 -8.46 -8.48 20.78
CA ALA A 259 -8.59 -9.89 21.10
C ALA A 259 -7.72 -10.81 20.21
N ASN A 260 -7.43 -10.40 18.97
CA ASN A 260 -6.75 -11.31 18.05
C ASN A 260 -5.35 -10.94 17.57
N SER A 261 -4.97 -9.66 17.70
CA SER A 261 -3.66 -9.21 17.25
C SER A 261 -2.57 -9.65 18.22
N SER A 262 -1.42 -10.06 17.68
CA SER A 262 -0.30 -10.46 18.54
C SER A 262 0.77 -9.36 18.60
N LYS A 263 0.37 -8.14 18.27
CA LYS A 263 1.23 -6.95 18.40
C LYS A 263 0.48 -5.79 19.07
N PRO A 264 1.20 -4.92 19.79
CA PRO A 264 0.57 -3.74 20.43
C PRO A 264 0.53 -2.51 19.53
N SER A 265 0.22 -1.35 20.11
CA SER A 265 0.25 -0.09 19.37
C SER A 265 1.37 0.82 19.88
PB ADP B . 5.39 0.06 -9.03
O1B ADP B . 5.52 1.50 -8.62
O2B ADP B . 5.69 -0.11 -10.49
O3B ADP B . 4.15 -0.66 -8.59
PA ADP B . 6.70 -1.19 -6.75
O1A ADP B . 7.67 -0.27 -5.98
O2A ADP B . 5.37 -1.47 -6.11
O3A ADP B . 6.60 -0.71 -8.29
O5' ADP B . 7.49 -2.59 -6.93
C5' ADP B . 6.91 -3.65 -7.70
C4' ADP B . 7.13 -5.03 -7.08
O4' ADP B . 8.51 -5.43 -6.91
C3' ADP B . 6.49 -5.18 -5.69
O3' ADP B . 5.09 -5.43 -5.81
C2' ADP B . 7.27 -6.34 -5.12
O2' ADP B . 6.78 -7.56 -5.67
C1' ADP B . 8.68 -6.13 -5.67
N9 ADP B . 9.43 -5.24 -4.74
C8 ADP B . 9.42 -3.89 -4.80
N7 ADP B . 10.21 -3.35 -3.84
C5 ADP B . 10.75 -4.37 -3.17
C6 ADP B . 11.69 -4.45 -2.05
N6 ADP B . 12.14 -3.30 -1.48
N1 ADP B . 12.03 -5.69 -1.60
C2 ADP B . 11.53 -6.81 -2.18
N3 ADP B . 10.67 -6.80 -3.22
C4 ADP B . 10.25 -5.62 -3.76
MG MG C . 3.38 -1.11 -6.60
MG MG D . 4.46 3.28 -8.51
C10 A6H E . 14.49 14.61 -8.91
C9 A6H E . 12.84 12.55 -12.99
C8 A6H E . 12.98 12.96 -14.30
C7 A6H E . 14.24 13.04 -14.86
C4 A6H E . 13.95 12.21 -12.22
C5 A6H E . 15.20 12.29 -12.81
C6 A6H E . 15.35 12.71 -14.12
C3 A6H E . 13.96 12.59 -9.80
C2 A6H E . 13.74 12.03 -8.54
C1 A6H E . 13.91 12.82 -7.45
CL1 A6H E . 11.28 12.45 -12.28
CL A6H E . 16.60 11.88 -11.88
O A6H E . 13.78 11.76 -10.88
N1 A6H E . 14.32 13.83 -9.99
C A6H E . 14.29 14.15 -7.63
N A6H E . 14.45 14.98 -6.59
#